data_7MFJ
#
_entry.id   7MFJ
#
_cell.length_a   91.801
_cell.length_b   91.801
_cell.length_c   140.122
_cell.angle_alpha   90.000
_cell.angle_beta   90.000
_cell.angle_gamma   90.000
#
_symmetry.space_group_name_H-M   'P 43 21 2'
#
loop_
_entity.id
_entity.type
_entity.pdbx_description
1 polymer 'Beta-cyanoalanine synthase'
2 non-polymer "PYRIDOXAL-5'-PHOSPHATE"
3 non-polymer 'ACETATE ION'
4 water water
#
_entity_poly.entity_id   1
_entity_poly.type   'polypeptide(L)'
_entity_poly.pdbx_seq_one_letter_code
;SMTESTVDRINGITPSALDLIGNTPLIALDRLWPGPGRLLAKCEFLNPTASLKDRSSYYMIAKAKESGQLKDGESVIEVT
SGNQGGGIACVTAVMGHPFTVTMSKGNSPQRAIMMNALGANVILVDQVTGKPGNVTADDVAAAEETAMKIREETNAYYVD
QFNNPTNCLAHYETTGPEIWRQTNGRIDAFLVGCGTGGCFVGTSKFLKEKNPNVRCFVVEPEGCQPIAGCTITKPLHLLQ
GSGYGCVPTLFDKKVYNDSISVSDEEAIEYRKLLGQKEGLFCGFTTGGNIAAAIKLLKSGQLPKDAWVVTILCDSGLKYP
E
;
_entity_poly.pdbx_strand_id   AAA,BBB
#
loop_
_chem_comp.id
_chem_comp.type
_chem_comp.name
_chem_comp.formula
ACT non-polymer 'ACETATE ION' 'C2 H3 O2 -1'
PLP non-polymer PYRIDOXAL-5'-PHOSPHATE 'C8 H10 N O6 P'
#
# COMPACT_ATOMS: atom_id res chain seq x y z
N SER A 1 11.19 15.08 -12.23
CA SER A 1 11.48 14.99 -10.77
C SER A 1 10.18 15.23 -9.98
N MET A 2 10.25 15.21 -8.64
CA MET A 2 9.11 15.44 -7.71
C MET A 2 9.00 16.93 -7.35
N THR A 3 9.99 17.74 -7.76
CA THR A 3 10.14 19.19 -7.43
C THR A 3 9.44 20.06 -8.49
N GLU A 4 9.59 19.71 -9.78
CA GLU A 4 9.11 20.53 -10.94
C GLU A 4 7.74 20.05 -11.41
N SER A 5 7.12 19.06 -10.73
CA SER A 5 5.95 18.28 -11.23
C SER A 5 4.70 19.16 -11.38
N THR A 6 4.04 19.09 -12.54
CA THR A 6 2.72 19.67 -12.83
C THR A 6 1.62 18.60 -12.66
N VAL A 7 1.99 17.41 -12.19
CA VAL A 7 1.09 16.23 -12.11
C VAL A 7 0.01 16.53 -11.06
N ASP A 8 -1.24 16.29 -11.40
CA ASP A 8 -2.37 16.39 -10.43
C ASP A 8 -2.83 14.99 -10.08
N ARG A 9 -2.38 14.45 -8.95
CA ARG A 9 -2.67 13.04 -8.55
C ARG A 9 -4.14 12.93 -8.12
N ILE A 10 -4.77 14.02 -7.68
CA ILE A 10 -6.11 13.95 -7.05
C ILE A 10 -7.17 13.94 -8.16
N ASN A 11 -7.06 14.90 -9.09
CA ASN A 11 -8.09 15.20 -10.09
C ASN A 11 -7.62 14.92 -11.52
N GLY A 12 -6.42 14.37 -11.67
CA GLY A 12 -5.82 14.11 -12.98
C GLY A 12 -5.32 12.68 -13.09
N ILE A 13 -4.44 12.50 -14.06
CA ILE A 13 -3.83 11.19 -14.40
C ILE A 13 -2.38 11.23 -13.96
N THR A 14 -1.94 10.16 -13.31
CA THR A 14 -0.56 9.96 -12.85
C THR A 14 0.21 9.26 -13.96
N PRO A 15 1.14 9.97 -14.63
CA PRO A 15 1.87 9.42 -15.79
C PRO A 15 2.55 8.08 -15.55
N SER A 16 3.19 7.90 -14.38
CA SER A 16 3.91 6.64 -14.04
C SER A 16 4.08 6.53 -12.52
N ALA A 17 4.48 5.36 -12.06
CA ALA A 17 4.85 5.08 -10.65
C ALA A 17 5.87 6.09 -10.12
N LEU A 18 6.78 6.64 -10.94
CA LEU A 18 7.74 7.69 -10.49
C LEU A 18 7.00 8.88 -9.87
N ASP A 19 5.83 9.22 -10.39
CA ASP A 19 5.03 10.38 -9.92
C ASP A 19 4.28 10.01 -8.63
N LEU A 20 4.27 8.73 -8.24
CA LEU A 20 3.69 8.25 -6.95
C LEU A 20 4.69 8.45 -5.80
N ILE A 21 5.96 8.76 -6.12
CA ILE A 21 7.08 8.92 -5.16
C ILE A 21 7.02 10.34 -4.56
N GLY A 22 7.13 10.44 -3.24
CA GLY A 22 7.16 11.75 -2.57
C GLY A 22 5.78 12.38 -2.45
N ASN A 23 5.74 13.63 -2.00
CA ASN A 23 4.50 14.39 -1.73
C ASN A 23 3.56 13.48 -0.93
N THR A 24 4.11 12.79 0.06
CA THR A 24 3.40 11.86 0.95
C THR A 24 2.62 12.67 1.97
N PRO A 25 1.46 12.15 2.43
CA PRO A 25 0.71 12.79 3.52
C PRO A 25 1.59 12.94 4.77
N LEU A 26 1.39 14.06 5.46
CA LEU A 26 1.89 14.31 6.83
C LEU A 26 0.68 14.14 7.76
N ILE A 27 0.67 13.05 8.51
CA ILE A 27 -0.55 12.67 9.27
C ILE A 27 -0.40 13.18 10.70
N ALA A 28 -1.51 13.62 11.29
CA ALA A 28 -1.60 13.93 12.73
C ALA A 28 -1.95 12.66 13.49
N LEU A 29 -1.10 12.30 14.43
CA LEU A 29 -1.32 11.17 15.37
C LEU A 29 -1.99 11.74 16.62
N ASP A 30 -3.14 12.38 16.46
CA ASP A 30 -3.84 13.12 17.54
C ASP A 30 -4.51 12.16 18.54
N ARG A 31 -4.66 10.88 18.20
CA ARG A 31 -5.28 9.88 19.10
C ARG A 31 -4.15 9.24 19.92
N LEU A 32 -3.06 8.86 19.26
CA LEU A 32 -1.84 8.34 19.93
C LEU A 32 -1.29 9.37 20.91
N TRP A 33 -1.30 10.65 20.52
CA TRP A 33 -0.78 11.79 21.32
C TRP A 33 -1.84 12.90 21.33
N PRO A 34 -2.73 12.91 22.35
CA PRO A 34 -3.83 13.87 22.40
C PRO A 34 -3.41 15.26 22.91
N GLY A 35 -2.15 15.43 23.33
CA GLY A 35 -1.60 16.73 23.77
C GLY A 35 -0.85 16.61 25.10
N PRO A 36 -0.22 17.70 25.60
CA PRO A 36 -0.14 18.97 24.89
C PRO A 36 0.91 18.91 23.76
N GLY A 37 0.78 19.79 22.78
CA GLY A 37 1.59 19.77 21.54
C GLY A 37 1.05 18.73 20.58
N ARG A 38 1.76 18.49 19.50
CA ARG A 38 1.24 17.65 18.38
C ARG A 38 2.36 16.78 17.84
N LEU A 39 2.03 15.52 17.56
CA LEU A 39 2.92 14.55 16.87
C LEU A 39 2.37 14.36 15.46
N LEU A 40 3.24 14.58 14.47
CA LEU A 40 2.93 14.43 13.04
C LEU A 40 4.01 13.54 12.43
N ALA A 41 3.69 12.83 11.34
CA ALA A 41 4.67 11.97 10.67
C ALA A 41 4.33 11.80 9.18
N LYS A 42 5.38 11.76 8.36
CA LYS A 42 5.30 11.57 6.90
C LYS A 42 4.92 10.11 6.62
N CYS A 43 3.85 9.87 5.86
CA CYS A 43 3.43 8.49 5.52
C CYS A 43 4.29 7.94 4.37
N GLU A 44 5.56 7.65 4.65
CA GLU A 44 6.51 7.17 3.61
C GLU A 44 6.14 5.72 3.21
N PHE A 45 5.21 5.08 3.95
CA PHE A 45 4.69 3.73 3.60
C PHE A 45 3.70 3.78 2.42
N LEU A 46 3.31 4.98 1.96
CA LEU A 46 2.38 5.17 0.80
C LEU A 46 3.14 5.51 -0.49
N ASN A 47 4.48 5.48 -0.46
CA ASN A 47 5.32 5.38 -1.67
C ASN A 47 5.04 4.05 -2.36
N PRO A 48 5.25 3.93 -3.67
CA PRO A 48 4.85 2.74 -4.44
C PRO A 48 5.49 1.40 -4.05
N THR A 49 6.64 1.40 -3.35
CA THR A 49 7.26 0.16 -2.80
C THR A 49 7.14 0.14 -1.28
N ALA A 50 6.30 1.03 -0.74
CA ALA A 50 5.83 1.07 0.66
C ALA A 50 7.00 1.37 1.61
N SER A 51 8.03 2.10 1.14
CA SER A 51 9.11 2.64 2.01
C SER A 51 9.58 4.01 1.52
N LEU A 52 10.22 4.76 2.41
CA LEU A 52 10.85 6.06 2.12
C LEU A 52 11.98 5.90 1.09
N LYS A 53 12.42 4.68 0.78
CA LYS A 53 13.61 4.45 -0.09
C LYS A 53 13.26 4.78 -1.54
N ASP A 54 11.97 4.89 -1.89
CA ASP A 54 11.58 5.30 -3.27
C ASP A 54 12.25 6.64 -3.60
N ARG A 55 12.42 7.53 -2.61
CA ARG A 55 12.92 8.90 -2.83
C ARG A 55 14.41 8.81 -3.20
N SER A 56 15.21 8.16 -2.37
CA SER A 56 16.68 8.04 -2.54
C SER A 56 16.95 7.18 -3.78
N SER A 57 16.19 6.10 -3.96
CA SER A 57 16.30 5.24 -5.17
C SER A 57 16.08 6.10 -6.42
N TYR A 58 15.01 6.88 -6.44
CA TYR A 58 14.68 7.70 -7.63
C TYR A 58 15.83 8.68 -7.92
N TYR A 59 16.34 9.37 -6.90
CA TYR A 59 17.37 10.42 -7.06
C TYR A 59 18.66 9.79 -7.59
N MET A 60 19.07 8.65 -7.02
CA MET A 60 20.38 8.02 -7.31
C MET A 60 20.36 7.52 -8.75
N ILE A 61 19.24 6.93 -9.19
CA ILE A 61 19.13 6.51 -10.61
C ILE A 61 19.05 7.76 -11.50
N ALA A 62 18.13 8.70 -11.21
CA ALA A 62 17.86 9.85 -12.10
C ALA A 62 19.13 10.67 -12.30
N LYS A 63 19.92 10.83 -11.25
CA LYS A 63 21.08 11.74 -11.23
C LYS A 63 22.27 11.11 -11.99
N ALA A 64 22.38 9.78 -11.96
CA ALA A 64 23.38 9.00 -12.71
C ALA A 64 23.06 9.13 -14.20
N LYS A 65 21.77 9.18 -14.54
CA LYS A 65 21.30 9.32 -15.94
C LYS A 65 21.64 10.72 -16.45
N GLU A 66 21.30 11.76 -15.67
CA GLU A 66 21.55 13.20 -15.99
C GLU A 66 23.06 13.49 -16.13
N SER A 67 23.90 12.88 -15.29
CA SER A 67 25.38 13.04 -15.24
C SER A 67 26.06 12.37 -16.45
N GLY A 68 25.36 11.41 -17.08
CA GLY A 68 25.87 10.59 -18.20
C GLY A 68 26.48 9.29 -17.70
N GLN A 69 26.67 9.17 -16.39
CA GLN A 69 27.27 7.97 -15.75
C GLN A 69 26.45 6.72 -16.10
N LEU A 70 25.11 6.84 -16.18
CA LEU A 70 24.21 5.70 -16.53
C LEU A 70 23.53 6.00 -17.87
N LYS A 71 23.80 5.19 -18.89
CA LYS A 71 23.30 5.39 -20.28
C LYS A 71 21.96 4.68 -20.41
N ASP A 72 21.12 5.11 -21.36
CA ASP A 72 19.79 4.52 -21.64
C ASP A 72 19.92 3.00 -21.76
N GLY A 73 19.03 2.26 -21.09
CA GLY A 73 18.90 0.78 -21.23
C GLY A 73 20.01 -0.01 -20.57
N GLU A 74 21.02 0.65 -19.96
CA GLU A 74 22.19 -0.04 -19.35
C GLU A 74 21.87 -0.51 -17.92
N SER A 75 22.73 -1.40 -17.43
CA SER A 75 22.53 -2.26 -16.23
C SER A 75 22.91 -1.51 -14.95
N VAL A 76 22.11 -1.73 -13.91
CA VAL A 76 22.30 -1.20 -12.54
C VAL A 76 22.52 -2.41 -11.63
N ILE A 77 23.35 -2.24 -10.60
CA ILE A 77 23.62 -3.29 -9.57
C ILE A 77 23.74 -2.61 -8.21
N GLU A 78 23.15 -3.24 -7.20
CA GLU A 78 23.25 -2.82 -5.78
C GLU A 78 23.37 -4.08 -4.93
N VAL A 79 24.03 -3.98 -3.78
CA VAL A 79 24.10 -5.01 -2.72
C VAL A 79 23.09 -4.61 -1.64
N THR A 80 22.04 -5.38 -1.47
CA THR A 80 20.98 -5.03 -0.49
C THR A 80 20.01 -6.20 -0.32
N SER A 81 19.50 -6.35 0.91
CA SER A 81 18.40 -7.26 1.28
C SER A 81 17.19 -6.46 1.74
N GLY A 82 17.22 -5.13 1.57
CA GLY A 82 16.29 -4.22 2.27
C GLY A 82 15.40 -3.41 1.33
N ASN A 83 14.79 -2.35 1.87
CA ASN A 83 13.85 -1.46 1.15
C ASN A 83 14.55 -0.80 -0.04
N GLN A 84 15.87 -0.55 0.02
CA GLN A 84 16.59 0.12 -1.11
C GLN A 84 16.46 -0.73 -2.38
N GLY A 85 16.52 -2.05 -2.24
CA GLY A 85 16.33 -2.99 -3.37
C GLY A 85 15.01 -2.80 -4.08
N GLY A 86 13.91 -2.74 -3.31
CA GLY A 86 12.57 -2.55 -3.88
C GLY A 86 12.47 -1.20 -4.57
N GLY A 87 12.92 -0.15 -3.89
CA GLY A 87 12.95 1.19 -4.49
C GLY A 87 13.70 1.20 -5.81
N ILE A 88 14.92 0.65 -5.87
CA ILE A 88 15.72 0.71 -7.13
C ILE A 88 14.98 -0.14 -8.16
N ALA A 89 14.41 -1.25 -7.72
CA ALA A 89 13.74 -2.19 -8.65
C ALA A 89 12.60 -1.42 -9.35
N CYS A 90 11.85 -0.62 -8.60
CA CYS A 90 10.65 0.08 -9.10
C CYS A 90 11.10 1.17 -10.08
N VAL A 91 12.02 2.00 -9.66
CA VAL A 91 12.61 3.06 -10.51
C VAL A 91 13.19 2.45 -11.81
N THR A 92 14.01 1.41 -11.72
CA THR A 92 14.67 0.82 -12.92
C THR A 92 13.64 0.15 -13.85
N ALA A 93 12.52 -0.34 -13.30
CA ALA A 93 11.41 -0.96 -14.07
C ALA A 93 10.79 0.10 -14.98
N VAL A 94 10.46 1.26 -14.42
CA VAL A 94 9.80 2.34 -15.19
C VAL A 94 10.80 2.89 -16.22
N MET A 95 12.05 3.13 -15.82
CA MET A 95 13.04 3.81 -16.68
C MET A 95 13.67 2.84 -17.68
N GLY A 96 13.42 1.54 -17.55
CA GLY A 96 13.88 0.52 -18.52
C GLY A 96 15.36 0.19 -18.35
N HIS A 97 15.81 0.02 -17.11
CA HIS A 97 17.20 -0.38 -16.75
C HIS A 97 17.17 -1.80 -16.20
N PRO A 98 17.93 -2.77 -16.77
CA PRO A 98 18.13 -4.06 -16.13
C PRO A 98 18.80 -3.79 -14.78
N PHE A 99 18.29 -4.44 -13.74
CA PHE A 99 18.73 -4.30 -12.33
C PHE A 99 19.13 -5.67 -11.77
N THR A 100 20.38 -5.78 -11.33
CA THR A 100 20.91 -6.93 -10.56
C THR A 100 21.09 -6.54 -9.09
N VAL A 101 20.63 -7.42 -8.20
CA VAL A 101 20.77 -7.31 -6.73
C VAL A 101 21.58 -8.51 -6.24
N THR A 102 22.56 -8.29 -5.38
CA THR A 102 23.27 -9.36 -4.63
C THR A 102 22.80 -9.29 -3.18
N MET A 103 22.57 -10.44 -2.55
CA MET A 103 22.30 -10.51 -1.09
C MET A 103 22.65 -11.91 -0.62
N SER A 104 22.86 -12.11 0.68
CA SER A 104 23.26 -13.40 1.30
C SER A 104 22.10 -14.39 1.26
N LYS A 105 22.41 -15.66 0.97
CA LYS A 105 21.47 -16.81 1.12
C LYS A 105 20.89 -16.79 2.54
N GLY A 106 21.62 -16.17 3.47
CA GLY A 106 21.22 -16.04 4.89
C GLY A 106 19.88 -15.37 5.08
N ASN A 107 19.48 -14.48 4.18
CA ASN A 107 18.22 -13.72 4.30
C ASN A 107 17.04 -14.68 4.12
N SER A 108 15.91 -14.41 4.76
CA SER A 108 14.65 -15.14 4.46
C SER A 108 14.38 -14.90 2.98
N PRO A 109 13.93 -15.94 2.22
CA PRO A 109 13.53 -15.74 0.83
C PRO A 109 12.58 -14.56 0.64
N GLN A 110 11.76 -14.25 1.66
CA GLN A 110 10.73 -13.16 1.66
C GLN A 110 11.39 -11.81 1.30
N ARG A 111 12.68 -11.63 1.61
CA ARG A 111 13.40 -10.36 1.37
C ARG A 111 13.63 -10.09 -0.12
N ALA A 112 13.49 -11.09 -0.99
CA ALA A 112 13.68 -10.97 -2.46
C ALA A 112 12.34 -10.86 -3.22
N ILE A 113 11.19 -11.14 -2.58
CA ILE A 113 9.88 -11.27 -3.29
C ILE A 113 9.53 -9.99 -4.05
N MET A 114 9.47 -8.84 -3.37
CA MET A 114 9.13 -7.55 -4.04
C MET A 114 10.19 -7.24 -5.12
N MET A 115 11.47 -7.25 -4.77
CA MET A 115 12.58 -6.94 -5.75
C MET A 115 12.39 -7.81 -6.98
N ASN A 116 12.23 -9.12 -6.79
CA ASN A 116 12.04 -10.07 -7.91
C ASN A 116 10.76 -9.71 -8.67
N ALA A 117 9.66 -9.37 -7.98
CA ALA A 117 8.35 -9.10 -8.59
C ALA A 117 8.45 -7.84 -9.46
N LEU A 118 9.32 -6.92 -9.09
CA LEU A 118 9.55 -5.68 -9.89
C LEU A 118 10.74 -5.87 -10.84
N GLY A 119 11.09 -7.12 -11.18
CA GLY A 119 12.00 -7.45 -12.30
C GLY A 119 13.49 -7.43 -11.98
N ALA A 120 13.86 -7.28 -10.69
CA ALA A 120 15.24 -7.45 -10.21
C ALA A 120 15.74 -8.88 -10.52
N ASN A 121 16.96 -8.97 -11.05
CA ASN A 121 17.80 -10.20 -11.08
C ASN A 121 18.52 -10.35 -9.72
N VAL A 122 17.94 -11.14 -8.82
CA VAL A 122 18.40 -11.36 -7.42
C VAL A 122 19.43 -12.50 -7.40
N ILE A 123 20.69 -12.19 -7.09
CA ILE A 123 21.78 -13.21 -6.98
C ILE A 123 21.92 -13.51 -5.50
N LEU A 124 21.69 -14.75 -5.08
CA LEU A 124 21.87 -15.21 -3.68
C LEU A 124 23.31 -15.70 -3.53
N VAL A 125 24.04 -15.13 -2.57
CA VAL A 125 25.50 -15.39 -2.35
C VAL A 125 25.65 -16.22 -1.08
N ASP A 126 26.37 -17.34 -1.21
CA ASP A 126 26.67 -18.30 -0.11
C ASP A 126 27.15 -17.54 1.13
N GLN A 127 26.63 -17.88 2.32
CA GLN A 127 27.15 -17.41 3.63
C GLN A 127 28.59 -17.92 3.81
N VAL A 128 29.40 -17.15 4.54
CA VAL A 128 30.83 -17.49 4.85
C VAL A 128 30.98 -17.81 6.34
N THR A 129 30.24 -17.15 7.24
CA THR A 129 30.35 -17.37 8.72
C THR A 129 28.96 -17.48 9.37
N GLY A 130 27.89 -17.14 8.65
CA GLY A 130 26.53 -17.06 9.20
C GLY A 130 25.73 -18.30 8.89
N LYS A 131 24.55 -18.40 9.51
CA LYS A 131 23.56 -19.50 9.35
C LYS A 131 22.25 -18.88 8.88
N PRO A 132 21.35 -19.66 8.25
CA PRO A 132 20.01 -19.17 7.91
C PRO A 132 19.42 -18.33 9.05
N GLY A 133 19.07 -17.08 8.73
CA GLY A 133 18.46 -16.12 9.68
C GLY A 133 19.48 -15.23 10.34
N ASN A 134 20.78 -15.47 10.10
CA ASN A 134 21.85 -14.64 10.71
C ASN A 134 22.88 -14.30 9.63
N VAL A 135 22.71 -13.13 9.02
CA VAL A 135 23.63 -12.56 7.99
C VAL A 135 24.70 -11.76 8.72
N THR A 136 25.95 -12.20 8.62
CA THR A 136 27.10 -11.61 9.34
C THR A 136 27.78 -10.59 8.42
N ALA A 137 28.70 -9.79 8.98
CA ALA A 137 29.62 -8.87 8.25
C ALA A 137 30.36 -9.61 7.13
N ASP A 138 30.79 -10.85 7.35
CA ASP A 138 31.55 -11.65 6.34
C ASP A 138 30.61 -12.15 5.23
N ASP A 139 29.35 -12.42 5.57
CA ASP A 139 28.26 -12.79 4.62
C ASP A 139 27.99 -11.60 3.67
N VAL A 140 27.95 -10.38 4.22
CA VAL A 140 27.75 -9.10 3.48
C VAL A 140 28.98 -8.79 2.63
N ALA A 141 30.19 -8.86 3.19
CA ALA A 141 31.45 -8.67 2.43
C ALA A 141 31.45 -9.56 1.16
N ALA A 142 30.93 -10.78 1.24
CA ALA A 142 30.89 -11.76 0.13
C ALA A 142 29.89 -11.31 -0.96
N ALA A 143 28.68 -10.90 -0.57
CA ALA A 143 27.64 -10.29 -1.45
C ALA A 143 28.24 -9.09 -2.21
N GLU A 144 28.97 -8.23 -1.50
CA GLU A 144 29.72 -7.07 -2.06
C GLU A 144 30.71 -7.56 -3.13
N GLU A 145 31.47 -8.62 -2.82
CA GLU A 145 32.56 -9.14 -3.68
C GLU A 145 31.91 -9.65 -4.97
N THR A 146 30.74 -10.28 -4.86
CA THR A 146 30.01 -10.87 -6.02
C THR A 146 29.54 -9.73 -6.92
N ALA A 147 29.04 -8.64 -6.34
CA ALA A 147 28.50 -7.48 -7.08
C ALA A 147 29.65 -6.74 -7.77
N MET A 148 30.76 -6.51 -7.06
CA MET A 148 32.00 -5.92 -7.67
C MET A 148 32.45 -6.77 -8.86
N LYS A 149 32.53 -8.10 -8.72
CA LYS A 149 32.95 -9.01 -9.82
C LYS A 149 32.01 -8.86 -11.03
N ILE A 150 30.70 -8.91 -10.81
CA ILE A 150 29.65 -8.70 -11.85
C ILE A 150 29.83 -7.31 -12.46
N ARG A 151 30.05 -6.29 -11.63
CA ARG A 151 30.19 -4.89 -12.12
C ARG A 151 31.39 -4.79 -13.06
N GLU A 152 32.51 -5.42 -12.70
CA GLU A 152 33.75 -5.30 -13.51
C GLU A 152 33.50 -6.01 -14.85
N GLU A 153 32.77 -7.12 -14.81
CA GLU A 153 32.51 -8.01 -15.98
C GLU A 153 31.53 -7.34 -16.95
N THR A 154 30.53 -6.60 -16.43
CA THR A 154 29.39 -6.06 -17.20
C THR A 154 29.48 -4.53 -17.33
N ASN A 155 30.25 -3.85 -16.48
CA ASN A 155 30.23 -2.36 -16.35
C ASN A 155 28.81 -1.87 -16.03
N ALA A 156 28.08 -2.57 -15.17
CA ALA A 156 26.82 -2.06 -14.55
C ALA A 156 27.14 -0.82 -13.70
N TYR A 157 26.18 0.08 -13.58
CA TYR A 157 26.30 1.23 -12.64
C TYR A 157 26.04 0.71 -11.23
N TYR A 158 27.01 0.90 -10.33
CA TYR A 158 26.94 0.59 -8.88
C TYR A 158 26.32 1.77 -8.13
N VAL A 159 25.10 1.58 -7.60
CA VAL A 159 24.29 2.62 -6.91
C VAL A 159 25.08 3.17 -5.71
N ASP A 160 25.63 2.29 -4.87
CA ASP A 160 26.55 2.68 -3.76
C ASP A 160 25.77 3.54 -2.76
N GLN A 161 24.67 2.99 -2.23
CA GLN A 161 23.66 3.74 -1.44
C GLN A 161 24.31 4.45 -0.23
N PHE A 162 25.28 3.80 0.43
CA PHE A 162 25.91 4.31 1.69
C PHE A 162 26.82 5.50 1.38
N ASN A 163 27.27 5.70 0.14
CA ASN A 163 28.28 6.75 -0.20
C ASN A 163 27.78 7.71 -1.28
N ASN A 164 26.62 7.48 -1.89
CA ASN A 164 26.07 8.33 -2.97
C ASN A 164 25.43 9.58 -2.36
N PRO A 165 26.02 10.78 -2.57
CA PRO A 165 25.47 12.01 -2.00
C PRO A 165 24.07 12.42 -2.49
N THR A 166 23.59 11.84 -3.59
CA THR A 166 22.22 12.10 -4.12
C THR A 166 21.18 11.41 -3.23
N ASN A 167 21.62 10.55 -2.33
CA ASN A 167 20.78 9.92 -1.28
C ASN A 167 20.22 11.03 -0.39
N CYS A 168 21.11 11.83 0.25
CA CYS A 168 20.69 12.91 1.18
C CYS A 168 20.00 14.03 0.37
N LEU A 169 20.47 14.29 -0.85
CA LEU A 169 19.90 15.35 -1.73
C LEU A 169 18.39 15.12 -1.92
N ALA A 170 17.96 13.87 -2.05
CA ALA A 170 16.55 13.49 -2.25
C ALA A 170 15.70 14.15 -1.16
N HIS A 171 16.16 14.08 0.08
CA HIS A 171 15.41 14.48 1.28
C HIS A 171 15.53 15.99 1.49
N TYR A 172 16.67 16.55 1.08
CA TYR A 172 16.95 18.01 1.06
C TYR A 172 15.99 18.72 0.10
N GLU A 173 15.64 18.07 -1.02
CA GLU A 173 14.85 18.69 -2.14
C GLU A 173 13.36 18.29 -2.07
N THR A 174 13.00 17.21 -1.36
CA THR A 174 11.60 16.67 -1.32
C THR A 174 11.08 16.63 0.12
N THR A 175 11.58 15.69 0.93
CA THR A 175 11.06 15.43 2.29
C THR A 175 10.97 16.73 3.09
N GLY A 176 12.07 17.49 3.16
CA GLY A 176 12.20 18.68 4.02
C GLY A 176 11.26 19.78 3.57
N PRO A 177 11.40 20.22 2.30
CA PRO A 177 10.44 21.15 1.70
C PRO A 177 8.96 20.77 1.88
N GLU A 178 8.62 19.48 1.82
CA GLU A 178 7.21 19.03 1.94
C GLU A 178 6.72 19.33 3.36
N ILE A 179 7.50 18.91 4.36
CA ILE A 179 7.22 19.09 5.81
C ILE A 179 7.07 20.59 6.10
N TRP A 180 7.99 21.41 5.60
CA TRP A 180 7.94 22.89 5.81
C TRP A 180 6.60 23.45 5.29
N ARG A 181 6.18 23.03 4.10
CA ARG A 181 4.93 23.50 3.44
C ARG A 181 3.72 22.97 4.23
N GLN A 182 3.72 21.68 4.56
CA GLN A 182 2.57 20.93 5.11
C GLN A 182 2.26 21.42 6.52
N THR A 183 3.29 21.75 7.30
CA THR A 183 3.15 22.40 8.64
C THR A 183 2.93 23.92 8.58
N ASN A 184 2.96 24.55 7.39
CA ASN A 184 2.95 26.04 7.25
C ASN A 184 4.04 26.65 8.15
N GLY A 185 5.16 25.94 8.37
CA GLY A 185 6.34 26.46 9.09
C GLY A 185 6.28 26.20 10.58
N ARG A 186 5.21 25.58 11.06
CA ARG A 186 4.98 25.27 12.49
C ARG A 186 5.56 23.90 12.83
N ILE A 187 6.79 23.89 13.33
CA ILE A 187 7.59 22.66 13.59
C ILE A 187 8.76 23.08 14.49
N ASP A 188 8.83 22.44 15.65
CA ASP A 188 9.78 22.73 16.75
C ASP A 188 10.87 21.66 16.75
N ALA A 189 10.56 20.45 16.25
CA ALA A 189 11.58 19.38 16.10
C ALA A 189 11.25 18.39 14.98
N PHE A 190 12.31 17.78 14.46
CA PHE A 190 12.32 16.66 13.50
C PHE A 190 13.15 15.54 14.09
N LEU A 191 12.76 14.28 13.89
CA LEU A 191 13.57 13.11 14.33
C LEU A 191 13.26 11.88 13.48
N VAL A 192 14.30 11.08 13.29
CA VAL A 192 14.25 9.86 12.45
C VAL A 192 15.50 9.06 12.78
N GLY A 193 15.45 7.73 12.58
CA GLY A 193 16.65 6.87 12.64
C GLY A 193 17.57 7.06 11.44
N CYS A 194 18.75 6.48 11.50
CA CYS A 194 19.79 6.46 10.42
C CYS A 194 20.16 5.03 10.01
N GLY A 195 19.99 4.68 8.74
CA GLY A 195 20.70 3.58 8.06
C GLY A 195 21.85 4.14 7.24
N THR A 196 21.56 4.67 6.06
CA THR A 196 22.52 5.46 5.23
C THR A 196 22.70 6.85 5.84
N GLY A 197 21.63 7.40 6.44
CA GLY A 197 21.61 8.76 7.02
C GLY A 197 21.02 9.80 6.09
N GLY A 198 20.68 9.41 4.85
CA GLY A 198 20.13 10.33 3.85
C GLY A 198 18.94 11.10 4.41
N CYS A 199 17.95 10.38 4.96
CA CYS A 199 16.71 11.01 5.45
C CYS A 199 17.06 12.05 6.51
N PHE A 200 17.83 11.69 7.54
CA PHE A 200 18.13 12.62 8.66
C PHE A 200 18.90 13.84 8.13
N VAL A 201 19.99 13.61 7.37
CA VAL A 201 20.92 14.70 6.96
C VAL A 201 20.20 15.63 5.99
N GLY A 202 19.58 15.07 4.95
CA GLY A 202 18.88 15.90 3.94
C GLY A 202 17.77 16.73 4.57
N THR A 203 16.85 16.10 5.31
CA THR A 203 15.63 16.74 5.85
C THR A 203 16.05 17.79 6.88
N SER A 204 16.94 17.42 7.79
CA SER A 204 17.43 18.32 8.88
C SER A 204 18.15 19.52 8.28
N LYS A 205 18.98 19.30 7.25
CA LYS A 205 19.73 20.40 6.60
C LYS A 205 18.71 21.43 6.09
N PHE A 206 17.74 20.98 5.30
CA PHE A 206 16.69 21.88 4.76
C PHE A 206 15.94 22.57 5.93
N LEU A 207 15.49 21.85 6.96
CA LEU A 207 14.62 22.45 8.01
C LEU A 207 15.40 23.53 8.80
N LYS A 208 16.68 23.30 9.06
CA LYS A 208 17.54 24.25 9.82
C LYS A 208 17.81 25.53 9.01
N GLU A 209 17.72 25.46 7.68
CA GLU A 209 17.81 26.64 6.76
C GLU A 209 16.55 27.49 6.91
N LYS A 210 15.38 26.86 6.91
CA LYS A 210 14.08 27.56 7.09
C LYS A 210 14.04 28.12 8.50
N ASN A 211 14.53 27.35 9.47
CA ASN A 211 14.46 27.74 10.91
C ASN A 211 15.56 27.03 11.67
N PRO A 212 16.68 27.73 12.02
CA PRO A 212 17.78 27.10 12.74
C PRO A 212 17.42 26.61 14.15
N ASN A 213 16.29 27.09 14.69
CA ASN A 213 15.85 26.78 16.07
C ASN A 213 15.13 25.43 16.11
N VAL A 214 14.85 24.84 14.96
CA VAL A 214 14.26 23.47 14.88
C VAL A 214 15.28 22.46 15.43
N ARG A 215 14.87 21.69 16.42
CA ARG A 215 15.73 20.67 17.08
C ARG A 215 15.63 19.38 16.27
N CYS A 216 16.77 18.91 15.71
CA CYS A 216 16.82 17.68 14.90
C CYS A 216 17.52 16.59 15.70
N PHE A 217 16.84 15.46 15.93
CA PHE A 217 17.33 14.31 16.74
C PHE A 217 17.50 13.09 15.83
N VAL A 218 18.59 12.37 16.04
CA VAL A 218 18.80 10.99 15.53
C VAL A 218 18.15 10.03 16.52
N VAL A 219 17.38 9.06 16.03
CA VAL A 219 16.84 7.96 16.89
C VAL A 219 17.86 6.81 16.83
N GLU A 220 18.49 6.49 17.96
CA GLU A 220 19.56 5.46 18.07
C GLU A 220 19.01 4.25 18.81
N PRO A 221 19.15 3.04 18.21
CA PRO A 221 18.73 1.80 18.85
C PRO A 221 19.80 1.30 19.83
N GLU A 222 19.50 0.20 20.53
CA GLU A 222 20.37 -0.40 21.59
C GLU A 222 20.92 -1.76 21.13
N TYR A 256 22.32 18.61 13.28
CA TYR A 256 22.32 17.67 14.44
C TYR A 256 22.26 18.47 15.75
N ASN A 257 21.24 18.22 16.58
CA ASN A 257 21.08 18.78 17.96
C ASN A 257 21.49 17.72 18.98
N ASP A 258 20.80 16.57 18.97
CA ASP A 258 21.05 15.49 19.96
C ASP A 258 20.53 14.15 19.42
N SER A 259 20.70 13.09 20.22
CA SER A 259 20.18 11.72 19.99
C SER A 259 19.09 11.39 21.01
N ILE A 260 18.14 10.55 20.63
CA ILE A 260 17.21 9.87 21.58
C ILE A 260 17.41 8.36 21.42
N SER A 261 17.71 7.68 22.51
CA SER A 261 17.95 6.22 22.60
C SER A 261 16.60 5.51 22.69
N VAL A 262 16.45 4.34 22.05
CA VAL A 262 15.21 3.51 22.07
C VAL A 262 15.58 2.02 22.14
N SER A 263 14.86 1.27 22.98
CA SER A 263 15.00 -0.20 23.11
C SER A 263 14.17 -0.89 22.02
N ASP A 264 14.47 -2.15 21.72
CA ASP A 264 13.60 -3.02 20.89
C ASP A 264 12.21 -3.11 21.55
N GLU A 265 12.10 -3.16 22.88
CA GLU A 265 10.79 -3.31 23.58
C GLU A 265 9.93 -2.08 23.30
N GLU A 266 10.55 -0.90 23.26
CA GLU A 266 9.85 0.40 23.01
C GLU A 266 9.38 0.48 21.55
N ALA A 267 10.27 0.15 20.61
CA ALA A 267 9.92 -0.02 19.17
C ALA A 267 8.66 -0.88 19.02
N ILE A 268 8.66 -2.08 19.60
CA ILE A 268 7.54 -3.06 19.49
C ILE A 268 6.26 -2.44 20.08
N GLU A 269 6.36 -1.81 21.25
CA GLU A 269 5.18 -1.29 22.00
C GLU A 269 4.50 -0.19 21.18
N TYR A 270 5.29 0.69 20.56
CA TYR A 270 4.79 1.90 19.86
C TYR A 270 4.40 1.53 18.43
N ARG A 271 5.04 0.51 17.86
CA ARG A 271 4.54 -0.11 16.61
C ARG A 271 3.09 -0.58 16.85
N LYS A 272 2.84 -1.28 17.94
CA LYS A 272 1.49 -1.82 18.27
C LYS A 272 0.53 -0.66 18.54
N LEU A 273 0.94 0.31 19.36
CA LEU A 273 0.09 1.47 19.73
C LEU A 273 -0.28 2.26 18.47
N LEU A 274 0.66 2.48 17.56
CA LEU A 274 0.40 3.17 16.26
C LEU A 274 -0.72 2.46 15.50
N GLY A 275 -0.69 1.13 15.48
CA GLY A 275 -1.76 0.32 14.87
C GLY A 275 -3.08 0.48 15.60
N GLN A 276 -3.08 0.30 16.92
CA GLN A 276 -4.33 0.23 17.74
C GLN A 276 -5.03 1.60 17.78
N LYS A 277 -4.25 2.69 17.77
CA LYS A 277 -4.74 4.08 17.99
C LYS A 277 -4.95 4.82 16.67
N GLU A 278 -4.15 4.53 15.64
CA GLU A 278 -4.14 5.32 14.39
C GLU A 278 -4.45 4.47 13.16
N GLY A 279 -4.50 3.15 13.30
CA GLY A 279 -4.87 2.23 12.20
C GLY A 279 -3.77 2.10 11.15
N LEU A 280 -2.51 2.39 11.50
CA LEU A 280 -1.35 2.30 10.58
C LEU A 280 -0.43 1.16 11.02
N PHE A 281 -0.32 0.14 10.19
CA PHE A 281 0.62 -0.96 10.37
C PHE A 281 1.97 -0.58 9.72
N CYS A 282 2.97 -0.21 10.51
CA CYS A 282 4.31 0.19 9.99
C CYS A 282 5.37 -0.77 10.54
N GLY A 283 6.62 -0.60 10.12
CA GLY A 283 7.73 -1.47 10.55
C GLY A 283 8.29 -1.09 11.90
N PHE A 284 9.37 -1.75 12.32
CA PHE A 284 9.99 -1.59 13.66
C PHE A 284 10.67 -0.22 13.80
N THR A 285 11.35 0.28 12.76
CA THR A 285 12.01 1.62 12.81
C THR A 285 10.93 2.69 13.07
N THR A 286 9.70 2.47 12.61
CA THR A 286 8.58 3.42 12.85
C THR A 286 8.22 3.37 14.33
N GLY A 287 8.06 2.17 14.90
CA GLY A 287 7.91 1.97 16.36
C GLY A 287 8.93 2.79 17.13
N GLY A 288 10.22 2.66 16.79
CA GLY A 288 11.32 3.41 17.42
C GLY A 288 11.16 4.90 17.29
N ASN A 289 10.88 5.39 16.07
CA ASN A 289 10.67 6.85 15.83
C ASN A 289 9.53 7.34 16.72
N ILE A 290 8.40 6.63 16.76
CA ILE A 290 7.21 7.08 17.53
C ILE A 290 7.59 7.10 19.02
N ALA A 291 8.29 6.07 19.50
CA ALA A 291 8.65 5.95 20.92
C ALA A 291 9.60 7.11 21.31
N ALA A 292 10.56 7.47 20.46
CA ALA A 292 11.52 8.58 20.70
C ALA A 292 10.77 9.92 20.70
N ALA A 293 9.85 10.11 19.76
CA ALA A 293 9.08 11.36 19.62
C ALA A 293 8.23 11.56 20.88
N ILE A 294 7.61 10.52 21.42
CA ILE A 294 6.76 10.65 22.63
C ILE A 294 7.66 10.99 23.83
N LYS A 295 8.82 10.34 23.95
CA LYS A 295 9.81 10.70 25.02
C LYS A 295 10.19 12.18 24.88
N LEU A 296 10.38 12.65 23.64
CA LEU A 296 10.80 14.05 23.38
C LEU A 296 9.66 15.00 23.78
N LEU A 297 8.41 14.64 23.49
CA LEU A 297 7.23 15.47 23.87
C LEU A 297 7.07 15.53 25.40
N LYS A 298 7.45 14.47 26.12
CA LYS A 298 7.25 14.40 27.59
C LYS A 298 8.39 15.13 28.31
N SER A 299 9.52 15.35 27.65
CA SER A 299 10.81 15.73 28.26
C SER A 299 10.76 17.15 28.83
N GLY A 300 10.00 18.05 28.19
CA GLY A 300 9.98 19.49 28.50
C GLY A 300 11.16 20.23 27.89
N GLN A 301 12.01 19.58 27.08
CA GLN A 301 13.10 20.27 26.33
C GLN A 301 12.48 21.27 25.33
N LEU A 302 11.24 21.05 24.91
CA LEU A 302 10.57 21.83 23.84
C LEU A 302 9.49 22.67 24.48
N PRO A 303 9.01 23.73 23.79
CA PRO A 303 7.85 24.49 24.21
C PRO A 303 6.66 23.55 24.51
N LYS A 304 5.77 23.96 25.43
CA LYS A 304 4.61 23.14 25.86
C LYS A 304 3.79 22.75 24.62
N ASP A 305 3.60 23.69 23.69
N ASP A 305 3.63 23.70 23.70
CA ASP A 305 2.70 23.50 22.52
CA ASP A 305 2.75 23.61 22.50
C ASP A 305 3.51 23.09 21.28
C ASP A 305 3.51 23.09 21.28
N ALA A 306 4.62 22.37 21.46
CA ALA A 306 5.55 21.97 20.36
C ALA A 306 4.87 21.03 19.34
N TRP A 307 5.12 21.29 18.05
CA TRP A 307 4.80 20.39 16.90
C TRP A 307 6.06 19.62 16.54
N VAL A 308 6.00 18.30 16.69
CA VAL A 308 7.11 17.34 16.46
C VAL A 308 6.74 16.49 15.24
N VAL A 309 7.68 16.36 14.33
CA VAL A 309 7.51 15.62 13.05
C VAL A 309 8.50 14.48 13.03
N THR A 310 8.03 13.28 12.70
CA THR A 310 8.89 12.11 12.43
C THR A 310 8.49 11.46 11.10
N ILE A 311 8.92 10.23 10.87
CA ILE A 311 8.77 9.49 9.59
C ILE A 311 8.11 8.15 9.89
N LEU A 312 7.06 7.79 9.16
CA LEU A 312 6.54 6.39 9.13
C LEU A 312 7.22 5.71 7.94
N CYS A 313 8.32 5.01 8.21
CA CYS A 313 9.36 4.64 7.22
C CYS A 313 8.86 3.66 6.16
N ASP A 314 8.08 2.67 6.56
CA ASP A 314 7.64 1.56 5.68
C ASP A 314 6.41 0.87 6.26
N SER A 315 5.79 0.00 5.47
CA SER A 315 4.62 -0.83 5.84
C SER A 315 5.09 -2.02 6.69
N GLY A 316 4.25 -2.44 7.64
CA GLY A 316 4.46 -3.65 8.45
C GLY A 316 4.40 -4.91 7.60
N LEU A 317 3.81 -4.82 6.40
CA LEU A 317 3.69 -5.98 5.47
C LEU A 317 5.06 -6.42 4.92
N LYS A 318 6.11 -5.59 5.04
CA LYS A 318 7.47 -5.94 4.48
C LYS A 318 8.28 -6.76 5.48
N TYR A 319 7.65 -7.34 6.52
CA TYR A 319 8.30 -8.14 7.59
C TYR A 319 7.63 -9.50 7.76
N PRO A 320 8.42 -10.58 7.93
CA PRO A 320 7.87 -11.92 8.18
C PRO A 320 7.18 -11.98 9.55
N GLU A 321 6.60 -13.14 9.88
CA GLU A 321 5.79 -13.37 11.12
C GLU A 321 4.66 -12.34 11.18
N SER B 1 -16.40 12.36 5.71
CA SER B 1 -16.43 11.42 4.55
C SER B 1 -15.32 11.80 3.55
N MET B 2 -15.21 11.06 2.43
CA MET B 2 -14.21 11.32 1.34
C MET B 2 -14.83 12.19 0.25
N THR B 3 -16.12 12.52 0.36
CA THR B 3 -16.91 13.32 -0.61
C THR B 3 -16.86 14.81 -0.26
N GLU B 4 -16.97 15.18 1.02
CA GLU B 4 -17.12 16.58 1.49
C GLU B 4 -15.76 17.18 1.89
N SER B 5 -14.67 16.43 1.73
CA SER B 5 -13.35 16.70 2.37
C SER B 5 -12.71 17.98 1.81
N THR B 6 -12.28 18.86 2.73
CA THR B 6 -11.45 20.05 2.45
C THR B 6 -9.97 19.71 2.72
N VAL B 7 -9.68 18.45 3.07
CA VAL B 7 -8.31 18.01 3.47
C VAL B 7 -7.39 18.12 2.25
N ASP B 8 -6.26 18.77 2.41
CA ASP B 8 -5.24 18.87 1.34
C ASP B 8 -4.07 17.97 1.75
N ARG B 9 -4.01 16.75 1.21
CA ARG B 9 -2.99 15.74 1.61
C ARG B 9 -1.63 16.16 1.08
N ILE B 10 -1.56 16.95 0.01
CA ILE B 10 -0.26 17.22 -0.68
C ILE B 10 0.43 18.34 0.08
N ASN B 11 -0.30 19.43 0.35
CA ASN B 11 0.27 20.72 0.80
C ASN B 11 -0.20 21.08 2.21
N GLY B 12 -1.03 20.25 2.84
CA GLY B 12 -1.51 20.45 4.22
C GLY B 12 -1.29 19.24 5.11
N ILE B 13 -2.13 19.11 6.14
CA ILE B 13 -2.00 18.07 7.20
C ILE B 13 -3.16 17.08 7.06
N THR B 14 -2.86 15.78 7.17
CA THR B 14 -3.86 14.70 7.10
C THR B 14 -4.32 14.38 8.51
N PRO B 15 -5.58 14.73 8.88
CA PRO B 15 -6.06 14.59 10.25
C PRO B 15 -5.92 13.18 10.84
N SER B 16 -6.24 12.14 10.05
CA SER B 16 -6.21 10.72 10.48
C SER B 16 -6.12 9.81 9.27
N ALA B 17 -5.88 8.53 9.51
CA ALA B 17 -5.86 7.47 8.48
C ALA B 17 -7.15 7.45 7.65
N LEU B 18 -8.30 7.84 8.21
CA LEU B 18 -9.58 7.92 7.45
C LEU B 18 -9.42 8.80 6.21
N ASP B 19 -8.66 9.87 6.33
CA ASP B 19 -8.47 10.86 5.23
C ASP B 19 -7.43 10.33 4.23
N LEU B 20 -6.78 9.19 4.50
CA LEU B 20 -5.87 8.50 3.55
C LEU B 20 -6.66 7.60 2.59
N ILE B 21 -7.95 7.41 2.88
CA ILE B 21 -8.85 6.49 2.14
C ILE B 21 -9.39 7.23 0.91
N GLY B 22 -9.33 6.60 -0.26
CA GLY B 22 -9.90 7.15 -1.50
C GLY B 22 -9.04 8.28 -2.08
N ASN B 23 -9.55 8.91 -3.14
CA ASN B 23 -8.81 9.93 -3.93
C ASN B 23 -7.43 9.33 -4.26
N THR B 24 -7.45 8.06 -4.65
CA THR B 24 -6.26 7.31 -5.07
C THR B 24 -5.84 7.75 -6.47
N PRO B 25 -4.53 7.70 -6.76
CA PRO B 25 -4.04 7.99 -8.10
C PRO B 25 -4.70 7.08 -9.15
N LEU B 26 -4.98 7.63 -10.32
CA LEU B 26 -5.35 6.89 -11.55
C LEU B 26 -4.09 6.91 -12.42
N ILE B 27 -3.42 5.78 -12.52
CA ILE B 27 -2.08 5.71 -13.17
C ILE B 27 -2.29 5.31 -14.63
N ALA B 28 -1.46 5.86 -15.51
CA ALA B 28 -1.37 5.45 -16.93
C ALA B 28 -0.33 4.35 -17.02
N LEU B 29 -0.73 3.19 -17.49
CA LEU B 29 0.17 2.04 -17.67
C LEU B 29 0.69 2.09 -19.11
N ASP B 30 1.34 3.20 -19.46
CA ASP B 30 1.72 3.51 -20.86
C ASP B 30 2.94 2.68 -21.29
N ARG B 31 3.63 2.01 -20.37
CA ARG B 31 4.81 1.17 -20.72
C ARG B 31 4.31 -0.26 -20.93
N LEU B 32 3.44 -0.72 -20.04
CA LEU B 32 2.78 -2.04 -20.18
C LEU B 32 1.96 -2.06 -21.47
N TRP B 33 1.26 -0.97 -21.77
CA TRP B 33 0.38 -0.80 -22.96
C TRP B 33 0.74 0.49 -23.69
N PRO B 34 1.65 0.43 -24.68
CA PRO B 34 2.12 1.63 -25.37
C PRO B 34 1.17 2.11 -26.49
N GLY B 35 0.06 1.40 -26.72
CA GLY B 35 -1.00 1.82 -27.67
C GLY B 35 -1.35 0.69 -28.64
N PRO B 36 -2.34 0.89 -29.54
CA PRO B 36 -3.19 2.09 -29.56
C PRO B 36 -4.24 2.05 -28.44
N GLY B 37 -4.78 3.20 -28.07
CA GLY B 37 -5.68 3.36 -26.92
C GLY B 37 -4.88 3.40 -25.64
N ARG B 38 -5.53 3.37 -24.48
CA ARG B 38 -4.80 3.59 -23.22
C ARG B 38 -5.36 2.70 -22.12
N LEU B 39 -4.47 2.16 -21.29
CA LEU B 39 -4.84 1.41 -20.06
C LEU B 39 -4.59 2.32 -18.85
N LEU B 40 -5.62 2.54 -18.03
CA LEU B 40 -5.55 3.40 -16.81
C LEU B 40 -5.99 2.51 -15.65
N ALA B 41 -5.51 2.76 -14.44
CA ALA B 41 -5.91 1.95 -13.27
C ALA B 41 -5.80 2.74 -11.95
N LYS B 42 -6.82 2.61 -11.10
CA LYS B 42 -6.88 3.22 -9.76
C LYS B 42 -5.88 2.51 -8.85
N CYS B 43 -4.97 3.25 -8.20
CA CYS B 43 -3.98 2.65 -7.28
C CYS B 43 -4.59 2.39 -5.91
N GLU B 44 -5.52 1.42 -5.82
CA GLU B 44 -6.24 1.15 -4.54
C GLU B 44 -5.28 0.54 -3.51
N PHE B 45 -4.07 0.13 -3.93
CA PHE B 45 -3.02 -0.42 -3.03
C PHE B 45 -2.38 0.69 -2.19
N LEU B 46 -2.68 1.96 -2.47
CA LEU B 46 -2.17 3.13 -1.70
C LEU B 46 -3.20 3.65 -0.68
N ASN B 47 -4.33 2.96 -0.52
CA ASN B 47 -5.16 3.06 0.71
C ASN B 47 -4.33 2.60 1.91
N PRO B 48 -4.65 3.07 3.13
CA PRO B 48 -3.82 2.81 4.31
C PRO B 48 -3.64 1.35 4.75
N THR B 49 -4.51 0.42 4.36
CA THR B 49 -4.35 -1.04 4.61
C THR B 49 -4.02 -1.75 3.30
N ALA B 50 -3.65 -0.98 2.28
CA ALA B 50 -3.05 -1.44 1.00
C ALA B 50 -4.07 -2.27 0.21
N SER B 51 -5.38 -1.98 0.37
CA SER B 51 -6.45 -2.60 -0.46
C SER B 51 -7.60 -1.61 -0.67
N LEU B 52 -8.38 -1.83 -1.73
CA LEU B 52 -9.60 -1.06 -2.05
C LEU B 52 -10.63 -1.22 -0.93
N LYS B 53 -10.46 -2.15 0.00
CA LYS B 53 -11.48 -2.45 1.03
C LYS B 53 -11.56 -1.33 2.04
N ASP B 54 -10.59 -0.42 2.08
CA ASP B 54 -10.66 0.74 3.00
C ASP B 54 -11.94 1.53 2.70
N ARG B 55 -12.35 1.58 1.42
CA ARG B 55 -13.50 2.40 0.97
C ARG B 55 -14.78 1.79 1.54
N SER B 56 -15.02 0.51 1.27
CA SER B 56 -16.24 -0.21 1.66
C SER B 56 -16.27 -0.32 3.19
N SER B 57 -15.12 -0.64 3.80
CA SER B 57 -15.00 -0.70 5.29
C SER B 57 -15.41 0.66 5.87
N TYR B 58 -14.85 1.74 5.34
CA TYR B 58 -15.13 3.10 5.88
C TYR B 58 -16.64 3.41 5.80
N TYR B 59 -17.26 3.11 4.67
CA TYR B 59 -18.68 3.44 4.42
C TYR B 59 -19.57 2.63 5.35
N MET B 60 -19.30 1.34 5.50
CA MET B 60 -20.15 0.42 6.28
C MET B 60 -20.10 0.83 7.76
N ILE B 61 -18.92 1.20 8.26
CA ILE B 61 -18.81 1.71 9.66
C ILE B 61 -19.49 3.09 9.74
N ALA B 62 -19.14 4.03 8.86
CA ALA B 62 -19.57 5.44 8.98
C ALA B 62 -21.11 5.52 8.88
N LYS B 63 -21.71 4.68 8.05
CA LYS B 63 -23.16 4.73 7.74
C LYS B 63 -23.95 4.09 8.87
N ALA B 64 -23.39 3.11 9.57
CA ALA B 64 -23.98 2.48 10.76
C ALA B 64 -23.99 3.50 11.89
N LYS B 65 -22.94 4.33 11.97
CA LYS B 65 -22.81 5.40 13.01
C LYS B 65 -23.88 6.47 12.73
N GLU B 66 -23.98 6.94 11.49
CA GLU B 66 -24.94 7.97 11.00
C GLU B 66 -26.41 7.52 11.20
N SER B 67 -26.72 6.24 10.95
CA SER B 67 -28.06 5.61 11.07
C SER B 67 -28.48 5.46 12.54
N GLY B 68 -27.51 5.49 13.46
CA GLY B 68 -27.70 5.30 14.92
C GLY B 68 -27.44 3.87 15.32
N GLN B 69 -27.39 2.97 14.34
CA GLN B 69 -27.24 1.51 14.56
C GLN B 69 -25.96 1.21 15.34
N LEU B 70 -24.89 1.99 15.13
CA LEU B 70 -23.60 1.81 15.86
C LEU B 70 -23.37 3.04 16.74
N LYS B 71 -23.36 2.86 18.07
CA LYS B 71 -23.21 3.96 19.04
C LYS B 71 -21.72 4.17 19.34
N ASP B 72 -21.34 5.37 19.76
CA ASP B 72 -19.94 5.73 20.13
C ASP B 72 -19.37 4.67 21.07
N GLY B 73 -18.16 4.19 20.78
CA GLY B 73 -17.39 3.29 21.65
C GLY B 73 -17.91 1.86 21.66
N GLU B 74 -18.98 1.54 20.92
CA GLU B 74 -19.58 0.17 20.89
C GLU B 74 -18.84 -0.73 19.88
N SER B 75 -19.08 -2.02 20.03
CA SER B 75 -18.29 -3.13 19.44
C SER B 75 -18.76 -3.45 18.02
N VAL B 76 -17.81 -3.81 17.17
CA VAL B 76 -18.01 -4.25 15.75
C VAL B 76 -17.48 -5.68 15.66
N ILE B 77 -18.12 -6.50 14.84
CA ILE B 77 -17.71 -7.92 14.58
C ILE B 77 -17.93 -8.23 13.10
N GLU B 78 -17.01 -8.95 12.48
CA GLU B 78 -17.14 -9.39 11.06
C GLU B 78 -16.49 -10.78 10.98
N VAL B 79 -16.99 -11.61 10.07
CA VAL B 79 -16.38 -12.94 9.77
C VAL B 79 -15.50 -12.73 8.54
N THR B 80 -14.18 -12.84 8.68
CA THR B 80 -13.29 -12.47 7.55
C THR B 80 -11.86 -12.95 7.79
N SER B 81 -11.23 -13.43 6.73
CA SER B 81 -9.80 -13.78 6.65
C SER B 81 -9.08 -12.82 5.69
N GLY B 82 -9.75 -11.76 5.25
CA GLY B 82 -9.37 -11.06 4.00
C GLY B 82 -9.03 -9.59 4.19
N ASN B 83 -8.92 -8.86 3.07
CA ASN B 83 -8.69 -7.40 3.04
C ASN B 83 -9.79 -6.63 3.79
N GLN B 84 -11.02 -7.14 3.81
CA GLN B 84 -12.12 -6.43 4.51
C GLN B 84 -11.76 -6.26 5.99
N GLY B 85 -11.18 -7.30 6.58
CA GLY B 85 -10.77 -7.30 8.00
C GLY B 85 -9.82 -6.17 8.31
N GLY B 86 -8.78 -6.00 7.48
CA GLY B 86 -7.79 -4.92 7.63
C GLY B 86 -8.45 -3.57 7.54
N GLY B 87 -9.26 -3.37 6.49
CA GLY B 87 -10.01 -2.13 6.33
C GLY B 87 -10.86 -1.83 7.57
N ILE B 88 -11.66 -2.78 8.06
CA ILE B 88 -12.54 -2.48 9.24
C ILE B 88 -11.63 -2.22 10.42
N ALA B 89 -10.53 -2.96 10.53
CA ALA B 89 -9.62 -2.85 11.69
C ALA B 89 -9.10 -1.40 11.74
N CYS B 90 -8.71 -0.86 10.58
CA CYS B 90 -8.13 0.50 10.47
C CYS B 90 -9.20 1.55 10.86
N VAL B 91 -10.34 1.50 10.21
CA VAL B 91 -11.50 2.40 10.50
C VAL B 91 -11.88 2.31 12.00
N THR B 92 -12.07 1.13 12.57
CA THR B 92 -12.51 0.99 13.99
C THR B 92 -11.44 1.47 14.97
N ALA B 93 -10.15 1.38 14.62
CA ALA B 93 -9.01 1.87 15.43
C ALA B 93 -9.12 3.39 15.56
N VAL B 94 -9.34 4.07 14.45
CA VAL B 94 -9.41 5.56 14.45
C VAL B 94 -10.67 5.99 15.21
N MET B 95 -11.81 5.35 14.96
CA MET B 95 -13.11 5.79 15.50
C MET B 95 -13.30 5.31 16.93
N GLY B 96 -12.43 4.43 17.44
CA GLY B 96 -12.45 3.93 18.82
C GLY B 96 -13.58 2.94 19.04
N HIS B 97 -13.76 2.00 18.12
CA HIS B 97 -14.73 0.89 18.20
C HIS B 97 -13.97 -0.40 18.43
N PRO B 98 -14.23 -1.15 19.53
CA PRO B 98 -13.61 -2.46 19.71
C PRO B 98 -14.09 -3.33 18.53
N PHE B 99 -13.15 -4.03 17.91
CA PHE B 99 -13.38 -4.85 16.70
C PHE B 99 -12.98 -6.29 16.98
N THR B 100 -13.96 -7.20 16.83
CA THR B 100 -13.76 -8.66 16.92
C THR B 100 -13.90 -9.27 15.51
N VAL B 101 -12.97 -10.16 15.16
CA VAL B 101 -12.93 -10.90 13.89
C VAL B 101 -13.01 -12.39 14.22
N THR B 102 -13.84 -13.15 13.50
CA THR B 102 -13.80 -14.64 13.48
C THR B 102 -13.20 -15.09 12.15
N MET B 103 -12.36 -16.11 12.17
CA MET B 103 -11.90 -16.77 10.93
C MET B 103 -11.50 -18.21 11.28
N SER B 104 -11.49 -19.09 10.28
CA SER B 104 -11.16 -20.53 10.40
C SER B 104 -9.67 -20.69 10.74
N LYS B 105 -9.37 -21.62 11.67
CA LYS B 105 -7.98 -22.05 11.97
C LYS B 105 -7.34 -22.55 10.67
N GLY B 106 -8.15 -22.94 9.69
CA GLY B 106 -7.71 -23.37 8.35
C GLY B 106 -6.84 -22.34 7.64
N ASN B 107 -7.09 -21.04 7.87
CA ASN B 107 -6.38 -19.94 7.17
C ASN B 107 -4.92 -19.94 7.65
N SER B 108 -3.99 -19.49 6.81
CA SER B 108 -2.60 -19.22 7.22
C SER B 108 -2.65 -18.24 8.39
N PRO B 109 -1.85 -18.42 9.45
CA PRO B 109 -1.75 -17.40 10.50
C PRO B 109 -1.43 -15.99 9.94
N GLN B 110 -0.74 -15.92 8.80
CA GLN B 110 -0.33 -14.66 8.10
C GLN B 110 -1.57 -13.80 7.81
N ARG B 111 -2.74 -14.42 7.63
CA ARG B 111 -4.02 -13.72 7.30
C ARG B 111 -4.50 -12.82 8.45
N ALA B 112 -4.05 -13.05 9.69
CA ALA B 112 -4.46 -12.29 10.89
C ALA B 112 -3.48 -11.16 11.25
N ILE B 113 -2.27 -11.12 10.68
CA ILE B 113 -1.17 -10.24 11.18
C ILE B 113 -1.59 -8.78 11.11
N MET B 114 -1.97 -8.28 9.92
CA MET B 114 -2.39 -6.86 9.78
C MET B 114 -3.60 -6.57 10.68
N MET B 115 -4.68 -7.35 10.58
CA MET B 115 -5.90 -7.15 11.42
C MET B 115 -5.50 -7.04 12.89
N ASN B 116 -4.71 -8.00 13.37
CA ASN B 116 -4.25 -8.02 14.77
C ASN B 116 -3.42 -6.77 15.05
N ALA B 117 -2.53 -6.37 14.13
CA ALA B 117 -1.61 -5.23 14.33
C ALA B 117 -2.43 -3.94 14.46
N LEU B 118 -3.58 -3.89 13.81
CA LEU B 118 -4.46 -2.68 13.87
C LEU B 118 -5.54 -2.88 14.96
N GLY B 119 -5.31 -3.77 15.93
CA GLY B 119 -6.14 -3.86 17.15
C GLY B 119 -7.37 -4.76 17.06
N ALA B 120 -7.54 -5.48 15.96
CA ALA B 120 -8.59 -6.51 15.81
C ALA B 120 -8.39 -7.64 16.84
N ASN B 121 -9.48 -8.02 17.51
CA ASN B 121 -9.58 -9.18 18.43
C ASN B 121 -9.95 -10.42 17.63
N VAL B 122 -8.95 -11.20 17.22
CA VAL B 122 -9.05 -12.34 16.23
C VAL B 122 -9.41 -13.64 16.97
N ILE B 123 -10.60 -14.19 16.70
CA ILE B 123 -11.05 -15.49 17.26
C ILE B 123 -10.84 -16.56 16.19
N LEU B 124 -9.99 -17.57 16.45
CA LEU B 124 -9.75 -18.69 15.49
C LEU B 124 -10.73 -19.83 15.77
N VAL B 125 -11.47 -20.27 14.75
CA VAL B 125 -12.55 -21.30 14.88
C VAL B 125 -12.11 -22.60 14.20
N ASP B 126 -12.16 -23.71 14.94
CA ASP B 126 -11.85 -25.10 14.50
C ASP B 126 -12.59 -25.39 13.20
N GLN B 127 -11.88 -26.01 12.25
CA GLN B 127 -12.43 -26.52 10.97
C GLN B 127 -13.41 -27.66 11.25
N VAL B 128 -14.38 -27.87 10.36
CA VAL B 128 -15.41 -28.95 10.45
C VAL B 128 -15.17 -30.02 9.35
N THR B 129 -14.77 -29.62 8.14
CA THR B 129 -14.57 -30.55 7.00
C THR B 129 -13.22 -30.29 6.29
N GLY B 130 -12.55 -29.18 6.60
CA GLY B 130 -11.32 -28.76 5.91
C GLY B 130 -10.08 -29.15 6.70
N LYS B 131 -8.91 -29.00 6.06
CA LYS B 131 -7.56 -29.26 6.62
C LYS B 131 -6.75 -27.97 6.53
N PRO B 132 -5.68 -27.81 7.34
CA PRO B 132 -4.79 -26.66 7.21
C PRO B 132 -4.50 -26.32 5.74
N GLY B 133 -4.82 -25.08 5.33
CA GLY B 133 -4.61 -24.57 3.97
C GLY B 133 -5.84 -24.75 3.09
N ASN B 134 -6.90 -25.38 3.60
CA ASN B 134 -8.12 -25.69 2.82
C ASN B 134 -9.35 -25.35 3.65
N VAL B 135 -9.85 -24.13 3.49
CA VAL B 135 -11.03 -23.59 4.24
C VAL B 135 -12.27 -23.87 3.39
N THR B 136 -13.18 -24.69 3.89
CA THR B 136 -14.41 -25.13 3.19
C THR B 136 -15.57 -24.21 3.60
N ALA B 137 -16.70 -24.30 2.90
CA ALA B 137 -17.96 -23.58 3.24
C ALA B 137 -18.42 -23.92 4.67
N ASP B 138 -18.23 -25.17 5.11
CA ASP B 138 -18.62 -25.64 6.48
C ASP B 138 -17.70 -25.01 7.54
N ASP B 139 -16.41 -24.82 7.20
CA ASP B 139 -15.38 -24.15 8.03
C ASP B 139 -15.78 -22.69 8.26
N VAL B 140 -16.24 -22.02 7.21
CA VAL B 140 -16.71 -20.59 7.21
C VAL B 140 -18.02 -20.49 8.01
N ALA B 141 -18.99 -21.36 7.75
CA ALA B 141 -20.30 -21.40 8.46
C ALA B 141 -20.06 -21.47 9.98
N ALA B 142 -19.02 -22.20 10.42
CA ALA B 142 -18.67 -22.38 11.85
C ALA B 142 -18.15 -21.07 12.46
N ALA B 143 -17.22 -20.39 11.77
CA ALA B 143 -16.72 -19.03 12.11
C ALA B 143 -17.89 -18.06 12.26
N GLU B 144 -18.85 -18.09 11.33
CA GLU B 144 -20.10 -17.28 11.38
C GLU B 144 -20.88 -17.60 12.67
N GLU B 145 -21.04 -18.88 13.00
CA GLU B 145 -21.82 -19.36 14.16
C GLU B 145 -21.17 -18.81 15.43
N THR B 146 -19.84 -18.80 15.49
CA THR B 146 -19.05 -18.33 16.66
C THR B 146 -19.27 -16.82 16.83
N ALA B 147 -19.29 -16.05 15.73
CA ALA B 147 -19.46 -14.58 15.71
C ALA B 147 -20.89 -14.22 16.15
N MET B 148 -21.89 -14.93 15.62
CA MET B 148 -23.31 -14.75 16.06
C MET B 148 -23.42 -15.05 17.56
N LYS B 149 -22.81 -16.12 18.08
CA LYS B 149 -22.86 -16.47 19.53
C LYS B 149 -22.26 -15.32 20.37
N ILE B 150 -21.06 -14.84 20.00
CA ILE B 150 -20.37 -13.69 20.63
C ILE B 150 -21.26 -12.46 20.52
N ARG B 151 -21.87 -12.24 19.35
CA ARG B 151 -22.70 -11.05 19.08
C ARG B 151 -23.90 -11.05 20.04
N GLU B 152 -24.48 -12.21 20.33
CA GLU B 152 -25.61 -12.35 21.30
C GLU B 152 -25.19 -11.80 22.66
N GLU B 153 -23.96 -12.10 23.12
CA GLU B 153 -23.46 -11.68 24.46
C GLU B 153 -23.13 -10.18 24.48
N THR B 154 -22.56 -9.64 23.40
CA THR B 154 -21.93 -8.29 23.38
C THR B 154 -22.80 -7.27 22.63
N ASN B 155 -23.72 -7.75 21.77
CA ASN B 155 -24.59 -6.92 20.89
C ASN B 155 -23.72 -6.08 19.95
N ALA B 156 -22.61 -6.64 19.45
CA ALA B 156 -21.71 -5.95 18.51
C ALA B 156 -22.45 -5.68 17.20
N TYR B 157 -22.09 -4.62 16.48
CA TYR B 157 -22.59 -4.38 15.11
C TYR B 157 -21.90 -5.36 14.14
N TYR B 158 -22.70 -6.16 13.44
CA TYR B 158 -22.29 -7.14 12.40
C TYR B 158 -22.21 -6.44 11.04
N VAL B 159 -20.99 -6.27 10.52
CA VAL B 159 -20.66 -5.49 9.30
C VAL B 159 -21.43 -6.09 8.10
N ASP B 160 -21.36 -7.42 7.95
CA ASP B 160 -22.21 -8.19 6.99
C ASP B 160 -21.87 -7.76 5.57
N GLN B 161 -20.60 -7.86 5.19
CA GLN B 161 -20.02 -7.23 3.98
C GLN B 161 -20.75 -7.67 2.71
N PHE B 162 -21.17 -8.94 2.62
CA PHE B 162 -21.79 -9.53 1.41
C PHE B 162 -23.24 -9.03 1.24
N ASN B 163 -23.85 -8.44 2.28
CA ASN B 163 -25.29 -8.02 2.20
C ASN B 163 -25.48 -6.52 2.47
N ASN B 164 -24.41 -5.80 2.82
CA ASN B 164 -24.52 -4.38 3.23
C ASN B 164 -24.54 -3.50 1.99
N PRO B 165 -25.67 -2.85 1.65
CA PRO B 165 -25.74 -1.98 0.47
C PRO B 165 -24.80 -0.74 0.50
N THR B 166 -24.29 -0.35 1.66
CA THR B 166 -23.33 0.78 1.78
C THR B 166 -21.95 0.36 1.23
N ASN B 167 -21.77 -0.93 0.96
CA ASN B 167 -20.59 -1.51 0.26
C ASN B 167 -20.53 -0.87 -1.13
N CYS B 168 -21.59 -1.03 -1.93
CA CYS B 168 -21.72 -0.48 -3.31
C CYS B 168 -21.68 1.05 -3.25
N LEU B 169 -22.40 1.64 -2.29
CA LEU B 169 -22.53 3.10 -2.14
C LEU B 169 -21.14 3.75 -2.10
N ALA B 170 -20.19 3.11 -1.44
CA ALA B 170 -18.80 3.60 -1.27
C ALA B 170 -18.23 3.97 -2.63
N HIS B 171 -18.43 3.07 -3.60
CA HIS B 171 -17.81 3.12 -4.95
C HIS B 171 -18.63 4.02 -5.86
N TYR B 172 -19.95 4.07 -5.63
CA TYR B 172 -20.90 4.98 -6.31
C TYR B 172 -20.55 6.43 -6.00
N GLU B 173 -20.10 6.72 -4.77
CA GLU B 173 -19.89 8.09 -4.25
C GLU B 173 -18.41 8.51 -4.30
N THR B 174 -17.46 7.56 -4.39
CA THR B 174 -16.00 7.84 -4.38
C THR B 174 -15.31 7.33 -5.66
N THR B 175 -15.17 6.02 -5.81
CA THR B 175 -14.39 5.40 -6.92
C THR B 175 -14.84 5.94 -8.27
N GLY B 176 -16.15 5.91 -8.54
CA GLY B 176 -16.74 6.28 -9.84
C GLY B 176 -16.51 7.76 -10.14
N PRO B 177 -17.02 8.64 -9.26
CA PRO B 177 -16.74 10.06 -9.37
C PRO B 177 -15.26 10.41 -9.53
N GLU B 178 -14.35 9.69 -8.88
CA GLU B 178 -12.90 9.99 -8.99
C GLU B 178 -12.43 9.69 -10.41
N ILE B 179 -12.74 8.51 -10.93
CA ILE B 179 -12.40 8.05 -12.31
C ILE B 179 -12.99 9.03 -13.33
N TRP B 180 -14.26 9.39 -13.17
CA TRP B 180 -14.95 10.36 -14.06
C TRP B 180 -14.18 11.69 -14.07
N ARG B 181 -13.79 12.21 -12.92
CA ARG B 181 -13.07 13.50 -12.85
C ARG B 181 -11.62 13.33 -13.39
N GLN B 182 -10.94 12.26 -13.01
CA GLN B 182 -9.48 12.07 -13.27
C GLN B 182 -9.24 11.86 -14.78
N THR B 183 -10.18 11.19 -15.47
CA THR B 183 -10.20 11.06 -16.95
C THR B 183 -10.81 12.27 -17.67
N ASN B 184 -11.34 13.26 -16.93
CA ASN B 184 -12.11 14.42 -17.47
C ASN B 184 -13.20 13.91 -18.42
N GLY B 185 -13.77 12.72 -18.13
CA GLY B 185 -14.94 12.19 -18.85
C GLY B 185 -14.56 11.24 -19.97
N ARG B 186 -13.27 11.06 -20.24
CA ARG B 186 -12.80 10.15 -21.33
C ARG B 186 -12.59 8.73 -20.79
N ILE B 187 -13.60 7.88 -20.96
CA ILE B 187 -13.55 6.45 -20.56
C ILE B 187 -14.57 5.70 -21.41
N ASP B 188 -14.10 4.66 -22.09
CA ASP B 188 -14.88 3.84 -23.05
C ASP B 188 -15.31 2.54 -22.37
N ALA B 189 -14.53 2.08 -21.38
CA ALA B 189 -14.86 0.88 -20.60
C ALA B 189 -14.22 0.88 -19.21
N PHE B 190 -14.93 0.25 -18.29
CA PHE B 190 -14.49 -0.03 -16.90
C PHE B 190 -14.60 -1.54 -16.69
N LEU B 191 -13.67 -2.13 -15.94
CA LEU B 191 -13.70 -3.57 -15.61
C LEU B 191 -12.93 -3.85 -14.31
N VAL B 192 -13.44 -4.82 -13.57
CA VAL B 192 -12.92 -5.24 -12.25
C VAL B 192 -13.56 -6.60 -11.97
N GLY B 193 -12.90 -7.44 -11.14
CA GLY B 193 -13.52 -8.67 -10.60
C GLY B 193 -14.60 -8.37 -9.59
N CYS B 194 -15.38 -9.39 -9.23
CA CYS B 194 -16.44 -9.34 -8.16
C CYS B 194 -16.16 -10.34 -7.03
N GLY B 195 -16.01 -9.84 -5.80
CA GLY B 195 -16.18 -10.64 -4.57
C GLY B 195 -17.55 -10.38 -3.98
N THR B 196 -17.67 -9.29 -3.22
CA THR B 196 -18.95 -8.74 -2.70
C THR B 196 -19.74 -8.09 -3.84
N GLY B 197 -19.03 -7.50 -4.82
CA GLY B 197 -19.59 -6.84 -6.01
C GLY B 197 -19.66 -5.35 -5.84
N GLY B 198 -19.34 -4.83 -4.64
CA GLY B 198 -19.43 -3.38 -4.36
C GLY B 198 -18.73 -2.57 -5.42
N CYS B 199 -17.46 -2.88 -5.69
CA CYS B 199 -16.61 -2.08 -6.58
C CYS B 199 -17.25 -2.00 -7.96
N PHE B 200 -17.60 -3.14 -8.55
CA PHE B 200 -18.14 -3.17 -9.93
C PHE B 200 -19.47 -2.42 -9.98
N VAL B 201 -20.40 -2.74 -9.07
CA VAL B 201 -21.81 -2.25 -9.15
C VAL B 201 -21.80 -0.73 -8.89
N GLY B 202 -21.15 -0.31 -7.81
CA GLY B 202 -21.12 1.11 -7.44
C GLY B 202 -20.47 1.94 -8.54
N THR B 203 -19.26 1.55 -8.98
CA THR B 203 -18.45 2.35 -9.94
C THR B 203 -19.21 2.42 -11.26
N SER B 204 -19.66 1.27 -11.76
CA SER B 204 -20.37 1.13 -13.05
C SER B 204 -21.65 1.98 -13.03
N LYS B 205 -22.42 1.92 -11.94
CA LYS B 205 -23.70 2.65 -11.85
C LYS B 205 -23.40 4.15 -12.05
N PHE B 206 -22.46 4.69 -11.30
CA PHE B 206 -22.08 6.12 -11.46
C PHE B 206 -21.60 6.40 -12.89
N LEU B 207 -20.70 5.60 -13.47
CA LEU B 207 -20.11 5.89 -14.80
C LEU B 207 -21.21 5.91 -15.89
N LYS B 208 -22.19 5.00 -15.80
CA LYS B 208 -23.26 4.87 -16.82
C LYS B 208 -24.27 6.05 -16.74
N GLU B 209 -24.36 6.71 -15.59
CA GLU B 209 -25.17 7.93 -15.38
C GLU B 209 -24.49 9.09 -16.09
N LYS B 210 -23.16 9.20 -15.94
CA LYS B 210 -22.37 10.24 -16.63
C LYS B 210 -22.40 9.97 -18.13
N ASN B 211 -22.34 8.70 -18.53
CA ASN B 211 -22.25 8.30 -19.95
C ASN B 211 -22.72 6.85 -20.10
N PRO B 212 -23.96 6.59 -20.60
CA PRO B 212 -24.46 5.22 -20.72
C PRO B 212 -23.71 4.39 -21.78
N ASN B 213 -22.89 5.01 -22.63
CA ASN B 213 -22.12 4.29 -23.68
C ASN B 213 -20.84 3.66 -23.08
N VAL B 214 -20.52 3.94 -21.81
CA VAL B 214 -19.38 3.26 -21.12
C VAL B 214 -19.71 1.78 -20.93
N ARG B 215 -18.87 0.89 -21.47
CA ARG B 215 -19.08 -0.58 -21.35
C ARG B 215 -18.40 -1.07 -20.08
N CYS B 216 -19.17 -1.66 -19.19
CA CYS B 216 -18.70 -2.16 -17.87
C CYS B 216 -18.66 -3.70 -17.90
N PHE B 217 -17.48 -4.27 -17.64
CA PHE B 217 -17.22 -5.73 -17.71
C PHE B 217 -16.81 -6.26 -16.33
N VAL B 218 -17.33 -7.43 -15.97
CA VAL B 218 -16.87 -8.21 -14.80
C VAL B 218 -15.71 -9.10 -15.26
N VAL B 219 -14.63 -9.16 -14.48
CA VAL B 219 -13.51 -10.10 -14.74
C VAL B 219 -13.82 -11.41 -14.00
N GLU B 220 -13.95 -12.52 -14.72
CA GLU B 220 -14.28 -13.83 -14.10
C GLU B 220 -13.14 -14.83 -14.33
N PRO B 221 -12.82 -15.65 -13.32
CA PRO B 221 -11.89 -16.76 -13.51
C PRO B 221 -12.56 -17.77 -14.45
N GLU B 222 -11.80 -18.26 -15.44
CA GLU B 222 -12.21 -19.36 -16.36
C GLU B 222 -12.75 -20.53 -15.53
N GLY B 223 -13.94 -20.99 -15.89
CA GLY B 223 -14.61 -22.12 -15.24
C GLY B 223 -15.35 -21.72 -13.99
N CYS B 224 -15.30 -20.44 -13.60
CA CYS B 224 -16.07 -19.90 -12.44
C CYS B 224 -16.67 -18.54 -12.82
N GLN B 225 -17.67 -18.60 -13.70
CA GLN B 225 -18.33 -17.41 -14.32
C GLN B 225 -19.84 -17.41 -14.00
N PRO B 226 -20.24 -17.31 -12.72
CA PRO B 226 -21.67 -17.25 -12.37
C PRO B 226 -22.43 -16.07 -12.99
N ILE B 227 -21.83 -14.88 -12.95
CA ILE B 227 -22.44 -13.59 -13.41
C ILE B 227 -22.70 -13.65 -14.92
N ALA B 228 -21.80 -14.28 -15.70
CA ALA B 228 -21.96 -14.54 -17.15
C ALA B 228 -23.04 -15.59 -17.41
N GLY B 229 -23.48 -16.32 -16.38
CA GLY B 229 -24.52 -17.36 -16.46
C GLY B 229 -23.94 -18.73 -16.74
N CYS B 230 -22.62 -18.82 -16.93
CA CYS B 230 -21.92 -20.07 -17.34
C CYS B 230 -21.90 -21.03 -16.15
N THR B 231 -21.84 -22.33 -16.44
CA THR B 231 -21.77 -23.40 -15.42
C THR B 231 -20.39 -23.36 -14.74
N ILE B 232 -20.33 -23.69 -13.45
CA ILE B 232 -19.06 -23.74 -12.67
C ILE B 232 -18.45 -25.12 -12.85
N THR B 233 -17.27 -25.20 -13.49
CA THR B 233 -16.50 -26.46 -13.68
C THR B 233 -15.24 -26.40 -12.81
N LYS B 234 -14.69 -25.21 -12.58
CA LYS B 234 -13.43 -24.98 -11.82
C LYS B 234 -13.74 -24.03 -10.66
N PRO B 235 -14.11 -24.55 -9.44
CA PRO B 235 -14.34 -23.69 -8.28
C PRO B 235 -13.06 -23.06 -7.70
N LEU B 236 -11.91 -23.70 -7.89
CA LEU B 236 -10.62 -23.28 -7.28
C LEU B 236 -9.79 -22.51 -8.31
N HIS B 237 -9.47 -21.25 -8.00
CA HIS B 237 -8.65 -20.31 -8.82
C HIS B 237 -7.72 -19.49 -7.89
N LEU B 238 -6.84 -18.65 -8.46
CA LEU B 238 -5.82 -17.85 -7.71
C LEU B 238 -6.31 -16.41 -7.46
N LEU B 239 -7.49 -16.02 -8.00
CA LEU B 239 -8.04 -14.64 -7.88
C LEU B 239 -8.68 -14.48 -6.49
N GLN B 240 -7.84 -14.46 -5.44
CA GLN B 240 -8.24 -14.33 -4.01
C GLN B 240 -8.93 -13.00 -3.78
N GLY B 241 -10.11 -13.05 -3.15
CA GLY B 241 -10.93 -11.87 -2.81
C GLY B 241 -12.04 -11.67 -3.81
N SER B 242 -12.10 -12.51 -4.85
CA SER B 242 -13.15 -12.42 -5.91
C SER B 242 -13.47 -13.82 -6.44
N GLY B 243 -14.33 -13.91 -7.47
CA GLY B 243 -14.62 -15.16 -8.20
C GLY B 243 -15.30 -16.18 -7.30
N TYR B 244 -16.24 -15.75 -6.47
CA TYR B 244 -17.08 -16.69 -5.67
C TYR B 244 -18.02 -17.39 -6.65
N GLY B 245 -18.42 -18.62 -6.34
CA GLY B 245 -19.21 -19.45 -7.27
C GLY B 245 -20.63 -18.93 -7.49
N CYS B 246 -21.06 -17.91 -6.74
CA CYS B 246 -22.46 -17.41 -6.80
C CYS B 246 -22.51 -15.99 -7.39
N VAL B 247 -23.60 -15.66 -8.10
CA VAL B 247 -23.97 -14.26 -8.48
C VAL B 247 -24.12 -13.44 -7.20
N PRO B 248 -23.19 -12.50 -6.87
CA PRO B 248 -23.23 -11.79 -5.59
C PRO B 248 -24.61 -11.17 -5.30
N THR B 249 -25.06 -11.19 -4.04
CA THR B 249 -26.43 -10.70 -3.66
C THR B 249 -26.55 -9.20 -3.97
N LEU B 250 -25.44 -8.44 -3.87
CA LEU B 250 -25.40 -6.98 -4.13
C LEU B 250 -25.32 -6.67 -5.64
N PHE B 251 -25.26 -7.68 -6.52
CA PHE B 251 -25.08 -7.48 -7.98
C PHE B 251 -26.37 -6.87 -8.60
N ASP B 252 -26.14 -6.00 -9.58
CA ASP B 252 -27.17 -5.22 -10.31
C ASP B 252 -26.89 -5.42 -11.80
N LYS B 253 -27.71 -6.23 -12.49
CA LYS B 253 -27.49 -6.58 -13.92
C LYS B 253 -27.67 -5.34 -14.81
N LYS B 254 -28.33 -4.29 -14.32
CA LYS B 254 -28.68 -3.08 -15.12
C LYS B 254 -27.43 -2.23 -15.42
N VAL B 255 -26.31 -2.44 -14.72
CA VAL B 255 -25.02 -1.70 -14.96
C VAL B 255 -23.97 -2.67 -15.52
N TYR B 256 -24.40 -3.85 -15.97
CA TYR B 256 -23.58 -4.97 -16.51
C TYR B 256 -23.73 -5.05 -18.03
N ASN B 257 -22.62 -5.05 -18.77
CA ASN B 257 -22.60 -5.30 -20.24
C ASN B 257 -22.27 -6.78 -20.51
N ASP B 258 -21.08 -7.22 -20.07
CA ASP B 258 -20.58 -8.58 -20.35
C ASP B 258 -19.47 -8.96 -19.36
N SER B 259 -18.96 -10.20 -19.49
CA SER B 259 -17.82 -10.77 -18.73
C SER B 259 -16.60 -10.93 -19.63
N ILE B 260 -15.42 -10.82 -19.04
CA ILE B 260 -14.12 -11.20 -19.67
C ILE B 260 -13.52 -12.30 -18.80
N SER B 261 -13.26 -13.46 -19.39
CA SER B 261 -12.71 -14.63 -18.67
C SER B 261 -11.18 -14.50 -18.65
N VAL B 262 -10.54 -14.98 -17.57
CA VAL B 262 -9.06 -15.00 -17.41
C VAL B 262 -8.65 -16.32 -16.75
N SER B 263 -7.59 -16.91 -17.28
CA SER B 263 -6.94 -18.12 -16.73
C SER B 263 -6.07 -17.71 -15.53
N ASP B 264 -5.74 -18.68 -14.67
CA ASP B 264 -4.73 -18.49 -13.59
C ASP B 264 -3.39 -18.08 -14.22
N GLU B 265 -3.03 -18.65 -15.38
CA GLU B 265 -1.72 -18.44 -16.03
C GLU B 265 -1.64 -16.98 -16.47
N GLU B 266 -2.76 -16.41 -16.93
CA GLU B 266 -2.85 -15.00 -17.41
C GLU B 266 -2.73 -14.02 -16.23
N ALA B 267 -3.46 -14.27 -15.14
CA ALA B 267 -3.33 -13.51 -13.87
C ALA B 267 -1.86 -13.43 -13.48
N ILE B 268 -1.17 -14.56 -13.41
CA ILE B 268 0.26 -14.66 -13.01
C ILE B 268 1.13 -13.84 -13.98
N GLU B 269 0.90 -13.98 -15.27
CA GLU B 269 1.76 -13.38 -16.33
C GLU B 269 1.70 -11.86 -16.21
N TYR B 270 0.49 -11.32 -16.01
CA TYR B 270 0.21 -9.86 -16.05
C TYR B 270 0.49 -9.26 -14.67
N ARG B 271 0.36 -10.05 -13.61
CA ARG B 271 0.91 -9.64 -12.29
C ARG B 271 2.42 -9.37 -12.44
N LYS B 272 3.16 -10.29 -13.07
CA LYS B 272 4.63 -10.14 -13.27
C LYS B 272 4.89 -8.94 -14.18
N LEU B 273 4.21 -8.85 -15.31
CA LEU B 273 4.44 -7.78 -16.32
C LEU B 273 4.17 -6.40 -15.70
N LEU B 274 3.12 -6.27 -14.89
CA LEU B 274 2.79 -5.01 -14.17
C LEU B 274 3.98 -4.59 -13.31
N GLY B 275 4.60 -5.55 -12.62
CA GLY B 275 5.82 -5.30 -11.83
C GLY B 275 7.00 -4.91 -12.71
N GLN B 276 7.28 -5.68 -13.76
CA GLN B 276 8.50 -5.52 -14.60
C GLN B 276 8.43 -4.22 -15.42
N LYS B 277 7.23 -3.81 -15.85
CA LYS B 277 7.02 -2.68 -16.80
C LYS B 277 6.63 -1.38 -16.08
N GLU B 278 5.96 -1.47 -14.95
CA GLU B 278 5.38 -0.29 -14.26
C GLU B 278 5.91 -0.16 -12.83
N GLY B 279 6.60 -1.16 -12.28
CA GLY B 279 7.18 -1.09 -10.92
C GLY B 279 6.12 -1.18 -9.80
N LEU B 280 4.95 -1.75 -10.08
CA LEU B 280 3.86 -1.94 -9.09
C LEU B 280 3.69 -3.43 -8.77
N PHE B 281 3.97 -3.83 -7.54
CA PHE B 281 3.77 -5.21 -7.05
C PHE B 281 2.36 -5.30 -6.45
N CYS B 282 1.41 -5.89 -7.19
CA CYS B 282 -0.01 -5.98 -6.73
C CYS B 282 -0.39 -7.45 -6.57
N GLY B 283 -1.61 -7.72 -6.12
CA GLY B 283 -2.05 -9.10 -5.83
C GLY B 283 -2.56 -9.79 -7.09
N PHE B 284 -3.15 -10.97 -6.93
CA PHE B 284 -3.58 -11.85 -8.04
C PHE B 284 -4.77 -11.23 -8.79
N THR B 285 -5.75 -10.65 -8.09
CA THR B 285 -6.94 -10.03 -8.76
C THR B 285 -6.46 -8.90 -9.66
N THR B 286 -5.34 -8.24 -9.33
CA THR B 286 -4.76 -7.15 -10.17
C THR B 286 -4.20 -7.77 -11.45
N GLY B 287 -3.43 -8.87 -11.35
CA GLY B 287 -3.00 -9.69 -12.50
C GLY B 287 -4.17 -9.98 -13.44
N GLY B 288 -5.28 -10.47 -12.88
CA GLY B 288 -6.49 -10.80 -13.63
C GLY B 288 -7.09 -9.58 -14.30
N ASN B 289 -7.21 -8.48 -13.56
CA ASN B 289 -7.82 -7.26 -14.12
C ASN B 289 -6.96 -6.79 -15.28
N ILE B 290 -5.63 -6.76 -15.12
CA ILE B 290 -4.72 -6.25 -16.19
C ILE B 290 -4.86 -7.17 -17.41
N ALA B 291 -4.87 -8.48 -17.20
CA ALA B 291 -4.94 -9.46 -18.32
C ALA B 291 -6.28 -9.30 -19.07
N ALA B 292 -7.41 -9.06 -18.38
CA ALA B 292 -8.74 -8.85 -19.01
C ALA B 292 -8.74 -7.52 -19.78
N ALA B 293 -8.19 -6.47 -19.19
CA ALA B 293 -8.16 -5.14 -19.84
C ALA B 293 -7.32 -5.20 -21.13
N ILE B 294 -6.19 -5.89 -21.11
CA ILE B 294 -5.29 -6.02 -22.29
C ILE B 294 -6.02 -6.86 -23.33
N LYS B 295 -6.66 -7.97 -22.91
CA LYS B 295 -7.47 -8.80 -23.84
C LYS B 295 -8.55 -7.92 -24.50
N LEU B 296 -9.18 -7.03 -23.73
CA LEU B 296 -10.29 -6.17 -24.22
C LEU B 296 -9.75 -5.17 -25.22
N LEU B 297 -8.57 -4.58 -24.96
CA LEU B 297 -7.89 -3.64 -25.91
C LEU B 297 -7.52 -4.36 -27.21
N LYS B 298 -7.12 -5.62 -27.14
CA LYS B 298 -6.57 -6.37 -28.31
C LYS B 298 -7.72 -6.91 -29.17
N SER B 299 -8.93 -7.02 -28.59
CA SER B 299 -10.09 -7.74 -29.18
C SER B 299 -10.57 -7.03 -30.45
N GLY B 300 -10.52 -5.69 -30.46
CA GLY B 300 -11.10 -4.85 -31.51
C GLY B 300 -12.59 -4.60 -31.27
N GLN B 301 -13.18 -5.13 -30.20
CA GLN B 301 -14.59 -4.81 -29.84
C GLN B 301 -14.74 -3.30 -29.56
N LEU B 302 -13.67 -2.63 -29.15
CA LEU B 302 -13.72 -1.18 -28.77
C LEU B 302 -13.04 -0.38 -29.86
N PRO B 303 -13.28 0.95 -29.92
CA PRO B 303 -12.55 1.82 -30.84
C PRO B 303 -11.04 1.74 -30.58
N LYS B 304 -10.24 1.94 -31.63
CA LYS B 304 -8.76 1.84 -31.55
C LYS B 304 -8.23 2.81 -30.49
N ASP B 305 -8.85 3.98 -30.33
CA ASP B 305 -8.39 5.05 -29.40
C ASP B 305 -9.04 4.92 -28.01
N ALA B 306 -9.59 3.76 -27.66
CA ALA B 306 -10.36 3.55 -26.41
C ALA B 306 -9.48 3.72 -25.16
N TRP B 307 -10.02 4.41 -24.16
CA TRP B 307 -9.47 4.53 -22.79
C TRP B 307 -10.19 3.53 -21.90
N VAL B 308 -9.42 2.56 -21.38
CA VAL B 308 -9.92 1.43 -20.55
C VAL B 308 -9.34 1.61 -19.15
N VAL B 309 -10.21 1.53 -18.15
CA VAL B 309 -9.88 1.81 -16.73
C VAL B 309 -10.18 0.54 -15.94
N THR B 310 -9.24 0.12 -15.09
CA THR B 310 -9.42 -1.00 -14.16
C THR B 310 -8.94 -0.57 -12.76
N ILE B 311 -8.77 -1.55 -11.89
CA ILE B 311 -8.45 -1.35 -10.44
C ILE B 311 -7.16 -2.13 -10.14
N LEU B 312 -6.21 -1.49 -9.47
CA LEU B 312 -5.09 -2.21 -8.82
C LEU B 312 -5.51 -2.41 -7.36
N CYS B 313 -6.14 -3.56 -7.09
CA CYS B 313 -6.93 -3.82 -5.86
C CYS B 313 -6.10 -3.77 -4.58
N ASP B 314 -4.97 -4.47 -4.52
CA ASP B 314 -4.20 -4.53 -3.26
C ASP B 314 -2.70 -4.69 -3.57
N SER B 315 -1.88 -4.63 -2.53
CA SER B 315 -0.41 -4.83 -2.62
C SER B 315 -0.10 -6.32 -2.71
N GLY B 316 0.97 -6.68 -3.44
CA GLY B 316 1.51 -8.05 -3.49
C GLY B 316 2.04 -8.49 -2.15
N LEU B 317 2.36 -7.53 -1.27
CA LEU B 317 2.91 -7.80 0.09
C LEU B 317 1.87 -8.49 1.00
N LYS B 318 0.57 -8.46 0.68
CA LYS B 318 -0.48 -9.09 1.53
C LYS B 318 -0.65 -10.58 1.25
N TYR B 319 0.31 -11.21 0.55
CA TYR B 319 0.33 -12.65 0.13
C TYR B 319 1.71 -13.23 0.44
N1 PLP C . 13.83 2.71 8.24
C2 PLP C . 13.67 1.91 7.19
C2A PLP C . 12.55 0.92 7.22
C3 PLP C . 14.53 2.01 6.07
O3 PLP C . 14.35 1.21 5.01
C4 PLP C . 15.58 2.95 6.09
C4A PLP C . 16.46 3.05 4.92
C5 PLP C . 15.71 3.77 7.23
C6 PLP C . 14.82 3.62 8.25
C5A PLP C . 16.80 4.80 7.34
O4P PLP C . 16.78 5.68 6.19
P PLP C . 18.16 6.38 5.72
O1P PLP C . 18.88 5.34 4.88
O2P PLP C . 17.70 7.58 4.93
O3P PLP C . 18.91 6.72 7.01
C ACT D . 22.67 -8.61 2.75
O ACT D . 22.54 -9.84 2.56
OXT ACT D . 22.28 -8.03 3.76
CH3 ACT D . 23.39 -7.78 1.67
N1 PLP E . -9.68 -7.97 -5.21
C2 PLP E . -9.28 -7.93 -3.93
C2A PLP E . -7.81 -8.04 -3.63
C3 PLP E . -10.20 -7.81 -2.88
O3 PLP E . -9.73 -7.78 -1.62
C4 PLP E . -11.56 -7.71 -3.17
C4A PLP E . -12.48 -7.59 -2.03
C5 PLP E . -11.95 -7.75 -4.52
C6 PLP E . -10.98 -7.87 -5.49
C5A PLP E . -13.39 -7.67 -4.96
O4P PLP E . -13.94 -6.34 -4.75
P PLP E . -15.49 -6.28 -4.18
O1P PLP E . -15.84 -4.84 -4.08
O2P PLP E . -16.26 -7.02 -5.25
O3P PLP E . -15.47 -7.01 -2.84
C ACT F . -12.81 -17.66 6.92
O ACT F . -12.56 -17.48 5.70
OXT ACT F . -12.04 -18.27 7.72
CH3 ACT F . -14.12 -17.09 7.46
#